data_5L8L
#
_entry.id   5L8L
#
_cell.length_a   68.140
_cell.length_b   84.990
_cell.length_c   88.870
_cell.angle_alpha   90.00
_cell.angle_beta   90.00
_cell.angle_gamma   90.00
#
_symmetry.space_group_name_H-M   'P 21 21 21'
#
loop_
_entity.id
_entity.type
_entity.pdbx_description
1 polymer 'Aurora kinase A'
2 polymer 'New antigen receptor variable domain'
3 non-polymer "ADENOSINE-5'-DIPHOSPHATE"
4 non-polymer 'SULFATE ION'
5 non-polymer 1,2-ETHANEDIOL
6 water water
#
loop_
_entity_poly.entity_id
_entity_poly.type
_entity_poly.pdbx_seq_one_letter_code
_entity_poly.pdbx_strand_id
1 'polypeptide(L)'
;GAMESKKRQWALEDFEIGRPLGKGKFGNVYLAREKQSKFILALKVLFKAQLEKAGVEHQLRREVEIQSHLRHPNILRLYG
YFHDATRVYLILEYAPLGTVYRELQKLSKFDEQRTATYITELANALSYCHSKRVIHRDIKPENLLLGSAGELKIADFGWS
VHAPSSRRT(TPO)LAGTLDYLPPEMIEGRMHDEKVDLWSLGVLCYEFLVGKPPFEANTYQETYKRISRVEFTFPDFVTE
GARDLISRLLKHNPSQRPMLREVLEHPWITANSSKPSNAQNKESASKQS
;
A
2 'polypeptide(L)'
;MARVDQTPRIATKETGESLTINCVLRDTACALDSTNWYRTKLGSTKEQTISIGGRYSETVDEGSNSASLTIRDLRVEDSG
TYKCKAIDSCWLSREGAGTVLTVKGGAAALEHHHHHH
;
B
#
# COMPACT_ATOMS: atom_id res chain seq x y z
N ARG A 8 -10.94 17.77 -13.00
CA ARG A 8 -10.65 17.55 -11.58
C ARG A 8 -10.80 18.86 -10.81
N GLN A 9 -11.48 18.82 -9.68
CA GLN A 9 -12.01 20.06 -9.11
C GLN A 9 -11.01 20.91 -8.29
N TRP A 10 -10.09 20.30 -7.52
CA TRP A 10 -9.03 21.11 -6.89
C TRP A 10 -8.16 21.71 -7.98
N ALA A 11 -7.56 22.87 -7.71
CA ALA A 11 -6.67 23.53 -8.65
C ALA A 11 -5.57 24.25 -7.87
N LEU A 12 -4.47 24.58 -8.54
CA LEU A 12 -3.32 25.15 -7.83
C LEU A 12 -3.70 26.47 -7.17
N GLU A 13 -4.61 27.21 -7.81
CA GLU A 13 -5.01 28.50 -7.26
C GLU A 13 -5.77 28.37 -5.93
N ASP A 14 -6.15 27.15 -5.56
CA ASP A 14 -6.81 26.93 -4.28
C ASP A 14 -5.83 26.91 -3.11
N PHE A 15 -4.53 26.97 -3.41
CA PHE A 15 -3.51 26.74 -2.39
C PHE A 15 -2.49 27.87 -2.36
N GLU A 16 -2.06 28.22 -1.14
CA GLU A 16 -0.86 29.02 -0.99
C GLU A 16 0.32 28.10 -0.74
N ILE A 17 1.41 28.31 -1.46
CA ILE A 17 2.58 27.43 -1.39
C ILE A 17 3.61 28.02 -0.44
N GLY A 18 4.22 27.18 0.39
CA GLY A 18 5.29 27.62 1.27
C GLY A 18 6.64 27.02 0.95
N ARG A 19 7.43 26.72 1.97
CA ARG A 19 8.79 26.27 1.66
C ARG A 19 8.77 24.84 1.14
N PRO A 20 9.79 24.49 0.35
CA PRO A 20 9.88 23.08 -0.04
C PRO A 20 10.08 22.18 1.16
N LEU A 21 9.41 21.04 1.16
CA LEU A 21 9.56 20.03 2.21
C LEU A 21 10.65 19.04 1.82
N GLY A 22 10.98 19.02 0.53
CA GLY A 22 12.05 18.18 0.03
C GLY A 22 11.93 17.93 -1.46
N LYS A 23 12.88 17.19 -2.02
CA LYS A 23 12.88 16.93 -3.45
C LYS A 23 12.74 15.44 -3.71
N GLY A 24 11.82 15.09 -4.61
CA GLY A 24 11.61 13.71 -4.97
C GLY A 24 12.15 13.38 -6.34
N LYS A 25 11.98 12.13 -6.76
CA LYS A 25 12.50 11.69 -8.05
C LYS A 25 11.81 12.40 -9.21
N PHE A 26 10.55 12.78 -9.03
CA PHE A 26 9.76 13.30 -10.14
C PHE A 26 9.28 14.72 -9.93
N GLY A 27 9.77 15.37 -8.87
CA GLY A 27 9.41 16.74 -8.59
C GLY A 27 9.64 17.06 -7.13
N ASN A 28 9.08 18.16 -6.67
CA ASN A 28 9.28 18.55 -5.29
C ASN A 28 8.01 18.42 -4.48
N VAL A 29 8.16 18.43 -3.16
CA VAL A 29 7.04 18.45 -2.25
C VAL A 29 7.10 19.79 -1.52
N TYR A 30 5.98 20.47 -1.44
CA TYR A 30 5.92 21.75 -0.75
C TYR A 30 4.96 21.74 0.42
N LEU A 31 5.28 22.54 1.44
CA LEU A 31 4.28 22.89 2.42
C LEU A 31 3.27 23.79 1.72
N ALA A 32 2.00 23.67 2.06
CA ALA A 32 0.97 24.50 1.43
C ALA A 32 -0.22 24.65 2.37
N ARG A 33 -1.10 25.61 2.10
CA ARG A 33 -2.36 25.60 2.82
C ARG A 33 -3.49 25.91 1.87
N GLU A 34 -4.63 25.29 2.13
CA GLU A 34 -5.80 25.50 1.31
C GLU A 34 -6.35 26.87 1.73
N LYS A 35 -6.70 27.69 0.75
CA LYS A 35 -6.96 29.11 1.03
C LYS A 35 -8.22 29.35 1.87
N GLN A 36 -9.27 28.58 1.62
CA GLN A 36 -10.54 28.79 2.31
C GLN A 36 -10.48 28.40 3.78
N SER A 37 -9.97 27.21 4.07
CA SER A 37 -9.91 26.68 5.43
C SER A 37 -8.62 27.00 6.17
N LYS A 38 -7.61 27.44 5.42
CA LYS A 38 -6.25 27.65 5.91
C LYS A 38 -5.60 26.39 6.48
N PHE A 39 -6.13 25.23 6.08
CA PHE A 39 -5.60 23.94 6.53
C PHE A 39 -4.23 23.66 5.91
N ILE A 40 -3.24 23.38 6.76
CA ILE A 40 -1.87 23.11 6.33
C ILE A 40 -1.73 21.66 5.85
N LEU A 41 -1.04 21.48 4.74
CA LEU A 41 -0.91 20.17 4.10
C LEU A 41 0.38 20.15 3.28
N ALA A 42 0.68 19.02 2.64
CA ALA A 42 1.83 18.95 1.77
C ALA A 42 1.35 18.69 0.36
N LEU A 43 1.90 19.44 -0.58
CA LEU A 43 1.56 19.29 -1.97
C LEU A 43 2.74 18.68 -2.70
N LYS A 44 2.56 17.47 -3.18
CA LYS A 44 3.59 16.76 -3.91
C LYS A 44 3.38 16.99 -5.40
N VAL A 45 4.40 17.55 -6.06
CA VAL A 45 4.29 17.90 -7.46
C VAL A 45 5.11 16.94 -8.30
N LEU A 46 4.48 16.33 -9.32
CA LEU A 46 5.18 15.38 -10.19
C LEU A 46 5.04 15.82 -11.63
N PHE A 47 6.16 15.85 -12.36
CA PHE A 47 6.10 16.24 -13.77
C PHE A 47 5.67 15.06 -14.63
N LYS A 48 4.63 15.26 -15.44
CA LYS A 48 4.11 14.18 -16.28
C LYS A 48 5.21 13.63 -17.18
N ALA A 49 5.96 14.54 -17.80
CA ALA A 49 7.01 14.16 -18.74
C ALA A 49 8.07 13.28 -18.10
N GLN A 50 8.35 13.49 -16.82
CA GLN A 50 9.31 12.66 -16.09
C GLN A 50 8.72 11.31 -15.73
N LEU A 51 7.46 11.31 -15.30
CA LEU A 51 6.76 10.07 -15.02
C LEU A 51 6.72 9.20 -16.28
N GLU A 52 6.43 9.83 -17.42
CA GLU A 52 6.31 9.12 -18.69
C GLU A 52 7.68 8.64 -19.16
N LYS A 53 8.70 9.47 -18.98
CA LYS A 53 10.08 9.10 -19.29
C LYS A 53 10.48 7.81 -18.58
N ALA A 54 10.14 7.74 -17.30
CA ALA A 54 10.45 6.57 -16.49
C ALA A 54 9.42 5.46 -16.67
N GLY A 55 8.32 5.78 -17.35
CA GLY A 55 7.29 4.80 -17.66
C GLY A 55 6.53 4.29 -16.45
N VAL A 56 6.28 5.17 -15.48
CA VAL A 56 5.65 4.74 -14.24
C VAL A 56 4.34 5.47 -13.99
N GLU A 57 3.86 6.23 -14.98
CA GLU A 57 2.65 7.01 -14.79
C GLU A 57 1.43 6.10 -14.58
N HIS A 58 1.31 5.03 -15.37
N HIS A 58 1.32 5.03 -15.38
CA HIS A 58 0.18 4.12 -15.24
CA HIS A 58 0.21 4.09 -15.26
C HIS A 58 0.14 3.47 -13.85
C HIS A 58 0.15 3.49 -13.86
N GLN A 59 1.31 3.04 -13.38
CA GLN A 59 1.41 2.42 -12.07
C GLN A 59 1.02 3.40 -10.97
N LEU A 60 1.45 4.65 -11.12
CA LEU A 60 1.13 5.68 -10.12
C LEU A 60 -0.39 5.88 -10.05
N ARG A 61 -1.06 5.89 -11.20
CA ARG A 61 -2.52 6.05 -11.20
C ARG A 61 -3.22 4.92 -10.47
N ARG A 62 -2.70 3.70 -10.62
CA ARG A 62 -3.22 2.57 -9.87
C ARG A 62 -3.01 2.76 -8.36
N GLU A 63 -1.82 3.21 -7.97
N GLU A 63 -1.82 3.21 -7.97
CA GLU A 63 -1.47 3.36 -6.55
CA GLU A 63 -1.46 3.36 -6.56
C GLU A 63 -2.21 4.50 -5.86
C GLU A 63 -2.23 4.49 -5.87
N VAL A 64 -2.35 5.62 -6.55
CA VAL A 64 -3.07 6.77 -6.01
C VAL A 64 -4.53 6.40 -5.76
N GLU A 65 -5.12 5.63 -6.67
CA GLU A 65 -6.49 5.19 -6.49
C GLU A 65 -6.63 4.33 -5.22
N ILE A 66 -5.72 3.39 -5.04
CA ILE A 66 -5.73 2.52 -3.88
C ILE A 66 -5.55 3.33 -2.59
N GLN A 67 -4.56 4.21 -2.61
CA GLN A 67 -4.23 5.04 -1.45
C GLN A 67 -5.41 5.88 -0.97
N SER A 68 -6.26 6.30 -1.90
N SER A 68 -6.26 6.31 -1.90
CA SER A 68 -7.38 7.19 -1.59
CA SER A 68 -7.37 7.19 -1.58
C SER A 68 -8.36 6.59 -0.60
C SER A 68 -8.35 6.59 -0.59
N HIS A 69 -8.34 5.27 -0.44
CA HIS A 69 -9.29 4.62 0.45
C HIS A 69 -8.74 4.35 1.86
N LEU A 70 -7.46 4.62 2.08
CA LEU A 70 -6.83 4.15 3.32
C LEU A 70 -6.84 5.24 4.37
N ARG A 71 -7.57 4.98 5.44
CA ARG A 71 -7.71 5.93 6.52
C ARG A 71 -7.28 5.30 7.84
N HIS A 72 -6.09 5.64 8.31
CA HIS A 72 -5.51 5.04 9.51
C HIS A 72 -4.43 6.00 10.04
N PRO A 73 -4.32 6.11 11.38
CA PRO A 73 -3.38 7.08 11.95
C PRO A 73 -1.94 6.81 11.58
N ASN A 74 -1.62 5.57 11.20
CA ASN A 74 -0.25 5.24 10.85
C ASN A 74 -0.04 5.03 9.35
N ILE A 75 -0.98 5.53 8.55
CA ILE A 75 -0.85 5.54 7.11
C ILE A 75 -1.03 6.99 6.66
N LEU A 76 -0.07 7.51 5.89
CA LEU A 76 -0.17 8.91 5.43
C LEU A 76 -1.44 9.09 4.62
N ARG A 77 -2.20 10.13 4.95
CA ARG A 77 -3.47 10.34 4.28
C ARG A 77 -3.29 11.08 2.96
N LEU A 78 -3.92 10.55 1.91
CA LEU A 78 -4.08 11.26 0.64
C LEU A 78 -5.44 11.94 0.60
N TYR A 79 -5.47 13.27 0.55
CA TYR A 79 -6.75 13.97 0.59
C TYR A 79 -7.38 14.13 -0.79
N GLY A 80 -6.56 14.18 -1.83
CA GLY A 80 -7.06 14.37 -3.18
C GLY A 80 -5.90 14.59 -4.13
N TYR A 81 -6.23 14.88 -5.39
CA TYR A 81 -5.22 15.13 -6.41
C TYR A 81 -5.81 15.94 -7.56
N PHE A 82 -4.94 16.53 -8.36
CA PHE A 82 -5.36 17.25 -9.56
C PHE A 82 -4.18 17.35 -10.50
N HIS A 83 -4.39 17.96 -11.66
CA HIS A 83 -3.33 18.04 -12.65
C HIS A 83 -3.49 19.27 -13.51
N ASP A 84 -2.40 19.66 -14.18
CA ASP A 84 -2.51 20.63 -15.25
C ASP A 84 -1.80 20.05 -16.46
N ALA A 85 -1.45 20.89 -17.44
CA ALA A 85 -0.89 20.39 -18.69
C ALA A 85 0.43 19.65 -18.49
N THR A 86 1.19 20.03 -17.47
CA THR A 86 2.52 19.45 -17.31
C THR A 86 2.74 18.66 -16.01
N ARG A 87 1.88 18.87 -15.03
N ARG A 87 1.87 18.86 -15.03
CA ARG A 87 2.13 18.33 -13.70
CA ARG A 87 2.13 18.30 -13.72
C ARG A 87 0.94 17.60 -13.08
C ARG A 87 0.93 17.58 -13.11
N VAL A 88 1.24 16.67 -12.19
CA VAL A 88 0.25 16.02 -11.33
C VAL A 88 0.50 16.49 -9.90
N TYR A 89 -0.58 16.80 -9.17
CA TYR A 89 -0.45 17.29 -7.80
C TYR A 89 -1.15 16.33 -6.83
N LEU A 90 -0.42 15.84 -5.84
CA LEU A 90 -1.01 15.02 -4.80
C LEU A 90 -1.18 15.85 -3.53
N ILE A 91 -2.38 15.85 -2.97
CA ILE A 91 -2.65 16.61 -1.75
C ILE A 91 -2.51 15.68 -0.55
N LEU A 92 -1.43 15.85 0.22
CA LEU A 92 -1.05 14.90 1.27
C LEU A 92 -1.12 15.45 2.67
N GLU A 93 -1.36 14.55 3.62
CA GLU A 93 -1.17 14.87 5.03
C GLU A 93 0.25 15.37 5.24
N TYR A 94 0.38 16.50 5.95
CA TYR A 94 1.69 17.02 6.31
C TYR A 94 2.21 16.34 7.57
N ALA A 95 3.41 15.75 7.47
CA ALA A 95 4.04 15.09 8.60
C ALA A 95 5.18 15.94 9.13
N PRO A 96 4.97 16.57 10.28
CA PRO A 96 5.87 17.64 10.69
C PRO A 96 7.20 17.21 11.32
N LEU A 97 7.35 15.95 11.70
N LEU A 97 7.35 15.95 11.70
CA LEU A 97 8.57 15.52 12.39
CA LEU A 97 8.57 15.54 12.39
C LEU A 97 9.55 14.72 11.52
C LEU A 97 9.55 14.73 11.52
N GLY A 98 9.37 14.80 10.20
CA GLY A 98 10.33 14.22 9.27
C GLY A 98 10.26 12.71 9.13
N THR A 99 11.34 12.11 8.63
CA THR A 99 11.35 10.67 8.37
C THR A 99 11.99 9.88 9.51
N VAL A 100 11.64 8.61 9.60
CA VAL A 100 12.31 7.74 10.56
C VAL A 100 13.78 7.57 10.17
N TYR A 101 14.04 7.54 8.87
CA TYR A 101 15.41 7.50 8.33
C TYR A 101 16.27 8.61 8.96
N ARG A 102 15.75 9.83 8.95
CA ARG A 102 16.51 10.97 9.51
C ARG A 102 16.66 10.84 11.01
N GLU A 103 15.61 10.38 11.68
CA GLU A 103 15.67 10.17 13.12
C GLU A 103 16.75 9.16 13.47
N LEU A 104 16.88 8.11 12.66
CA LEU A 104 17.92 7.12 12.88
C LEU A 104 19.32 7.70 12.64
N GLN A 105 19.44 8.62 11.69
CA GLN A 105 20.71 9.30 11.47
C GLN A 105 21.11 10.13 12.69
N LYS A 106 20.14 10.82 13.27
CA LYS A 106 20.41 11.68 14.41
C LYS A 106 20.70 10.88 15.68
N LEU A 107 19.95 9.80 15.91
CA LEU A 107 20.07 9.06 17.17
C LEU A 107 21.01 7.84 17.10
N SER A 108 21.43 7.47 15.89
N SER A 108 21.41 7.47 15.89
CA SER A 108 22.24 6.27 15.62
CA SER A 108 22.24 6.28 15.61
C SER A 108 21.45 4.98 15.80
C SER A 108 21.48 4.97 15.81
N LYS A 109 20.88 4.78 16.98
CA LYS A 109 20.05 3.60 17.28
C LYS A 109 18.88 4.03 18.15
N PHE A 110 17.80 3.25 18.13
CA PHE A 110 16.67 3.48 19.01
C PHE A 110 16.72 2.53 20.19
N ASP A 111 16.19 3.00 21.34
CA ASP A 111 16.04 2.10 22.47
C ASP A 111 14.85 1.16 22.26
N GLU A 112 14.70 0.21 23.17
CA GLU A 112 13.69 -0.82 23.03
C GLU A 112 12.27 -0.27 23.07
N GLN A 113 12.02 0.78 23.87
CA GLN A 113 10.67 1.34 23.93
C GLN A 113 10.28 1.99 22.61
N ARG A 114 11.19 2.78 22.06
CA ARG A 114 10.86 3.47 20.81
C ARG A 114 10.69 2.43 19.69
N THR A 115 11.60 1.47 19.65
CA THR A 115 11.52 0.41 18.66
C THR A 115 10.22 -0.38 18.76
N ALA A 116 9.88 -0.88 19.96
CA ALA A 116 8.69 -1.70 20.12
C ALA A 116 7.42 -0.92 19.82
N THR A 117 7.42 0.37 20.16
CA THR A 117 6.28 1.23 19.87
C THR A 117 6.11 1.45 18.36
N TYR A 118 7.20 1.71 17.65
CA TYR A 118 7.14 1.83 16.19
C TYR A 118 6.68 0.52 15.54
N ILE A 119 7.19 -0.62 16.03
CA ILE A 119 6.78 -1.91 15.45
C ILE A 119 5.29 -2.12 15.71
N THR A 120 4.81 -1.69 16.86
CA THR A 120 3.37 -1.80 17.15
C THR A 120 2.53 -0.96 16.17
N GLU A 121 2.94 0.27 15.95
CA GLU A 121 2.25 1.15 15.01
C GLU A 121 2.23 0.56 13.59
N LEU A 122 3.35 -0.01 13.15
CA LEU A 122 3.40 -0.62 11.83
C LEU A 122 2.49 -1.84 11.76
N ALA A 123 2.51 -2.68 12.79
CA ALA A 123 1.67 -3.87 12.78
C ALA A 123 0.19 -3.49 12.82
N ASN A 124 -0.14 -2.41 13.52
CA ASN A 124 -1.52 -1.93 13.55
C ASN A 124 -1.94 -1.49 12.16
N ALA A 125 -1.07 -0.72 11.51
CA ALA A 125 -1.36 -0.23 10.16
C ALA A 125 -1.55 -1.41 9.19
N LEU A 126 -0.67 -2.39 9.30
CA LEU A 126 -0.71 -3.55 8.40
C LEU A 126 -1.92 -4.42 8.68
N SER A 127 -2.37 -4.46 9.93
N SER A 127 -2.34 -4.46 9.94
CA SER A 127 -3.57 -5.21 10.26
CA SER A 127 -3.56 -5.18 10.30
C SER A 127 -4.80 -4.54 9.68
C SER A 127 -4.77 -4.53 9.63
N TYR A 128 -4.81 -3.20 9.71
CA TYR A 128 -5.88 -2.45 9.06
C TYR A 128 -5.87 -2.72 7.55
N CYS A 129 -4.69 -2.72 6.96
CA CYS A 129 -4.57 -3.02 5.54
C CYS A 129 -5.12 -4.40 5.20
N HIS A 130 -4.87 -5.37 6.06
CA HIS A 130 -5.40 -6.70 5.79
C HIS A 130 -6.93 -6.68 5.81
N SER A 131 -7.51 -5.90 6.70
CA SER A 131 -8.96 -5.79 6.81
C SER A 131 -9.54 -5.13 5.57
N LYS A 132 -8.73 -4.35 4.87
CA LYS A 132 -9.20 -3.70 3.64
C LYS A 132 -8.78 -4.54 2.42
N ARG A 133 -8.10 -5.65 2.70
CA ARG A 133 -7.60 -6.56 1.66
C ARG A 133 -6.61 -5.91 0.71
N VAL A 134 -5.81 -4.98 1.23
N VAL A 134 -5.84 -4.93 1.18
CA VAL A 134 -4.73 -4.37 0.48
CA VAL A 134 -4.73 -4.43 0.37
C VAL A 134 -3.39 -4.90 0.98
C VAL A 134 -3.44 -4.96 0.95
N ILE A 135 -2.49 -5.23 0.06
CA ILE A 135 -1.19 -5.75 0.43
C ILE A 135 -0.16 -4.66 0.30
N HIS A 136 0.71 -4.53 1.30
CA HIS A 136 1.81 -3.63 1.15
C HIS A 136 3.05 -4.42 0.76
N ARG A 137 3.93 -3.79 0.00
CA ARG A 137 5.20 -4.41 -0.34
C ARG A 137 6.21 -3.93 0.69
N ASP A 138 7.49 -4.11 0.40
CA ASP A 138 8.53 -3.74 1.36
C ASP A 138 8.42 -2.35 1.98
N ILE A 139 8.90 -2.23 3.22
CA ILE A 139 8.85 -0.97 3.95
C ILE A 139 10.24 -0.47 4.28
N LYS A 140 10.57 0.75 3.84
CA LYS A 140 11.88 1.36 4.08
C LYS A 140 11.73 2.54 5.03
N PRO A 141 12.75 2.79 5.86
CA PRO A 141 12.69 3.89 6.84
C PRO A 141 12.52 5.27 6.21
N GLU A 142 13.02 5.46 5.00
CA GLU A 142 12.91 6.76 4.34
C GLU A 142 11.47 7.04 3.91
N ASN A 143 10.64 6.00 3.90
CA ASN A 143 9.22 6.17 3.56
C ASN A 143 8.32 6.07 4.77
N LEU A 144 8.91 6.22 5.95
CA LEU A 144 8.12 6.33 7.16
C LEU A 144 8.24 7.75 7.67
N LEU A 145 7.14 8.49 7.66
N LEU A 145 7.12 8.45 7.71
CA LEU A 145 7.15 9.85 8.17
CA LEU A 145 7.08 9.83 8.18
C LEU A 145 6.62 9.88 9.60
C LEU A 145 6.60 9.88 9.62
N LEU A 146 6.80 11.02 10.28
CA LEU A 146 6.42 11.15 11.67
C LEU A 146 5.42 12.29 11.86
N GLY A 147 4.27 11.97 12.47
CA GLY A 147 3.26 12.96 12.79
C GLY A 147 3.61 13.83 13.99
N SER A 148 2.76 14.80 14.32
CA SER A 148 3.04 15.74 15.40
C SER A 148 3.26 15.06 16.76
N ALA A 149 2.60 13.93 16.99
CA ALA A 149 2.77 13.21 18.25
C ALA A 149 3.85 12.14 18.18
N GLY A 150 4.63 12.15 17.09
CA GLY A 150 5.73 11.22 16.95
C GLY A 150 5.32 9.85 16.43
N GLU A 151 4.08 9.73 15.98
CA GLU A 151 3.58 8.45 15.46
C GLU A 151 4.00 8.27 14.00
N LEU A 152 4.40 7.06 13.61
N LEU A 152 4.31 7.02 13.64
CA LEU A 152 4.89 6.90 12.24
CA LEU A 152 4.72 6.66 12.28
C LEU A 152 3.72 6.76 11.28
C LEU A 152 3.61 6.82 11.26
N LYS A 153 3.99 7.12 10.03
CA LYS A 153 3.04 7.05 8.94
C LYS A 153 3.68 6.40 7.71
N ILE A 154 3.10 5.30 7.27
CA ILE A 154 3.57 4.68 6.05
C ILE A 154 3.25 5.62 4.90
N ALA A 155 4.26 6.06 4.16
CA ALA A 155 4.04 7.12 3.18
C ALA A 155 4.30 6.78 1.69
N ASP A 156 4.57 5.51 1.37
CA ASP A 156 5.06 5.15 0.02
C ASP A 156 4.04 4.73 -1.05
N PHE A 157 2.76 4.69 -0.72
CA PHE A 157 1.73 4.25 -1.70
C PHE A 157 2.03 2.87 -2.36
N GLY A 158 2.86 2.05 -1.73
CA GLY A 158 3.33 0.80 -2.33
C GLY A 158 2.36 -0.36 -2.14
N TRP A 159 1.21 -0.28 -2.79
CA TRP A 159 0.12 -1.21 -2.54
C TRP A 159 -0.10 -2.19 -3.67
N SER A 160 -0.64 -3.35 -3.31
CA SER A 160 -0.86 -4.42 -4.27
C SER A 160 -2.22 -5.04 -4.01
N VAL A 161 -2.88 -5.49 -5.07
CA VAL A 161 -4.20 -6.11 -4.92
C VAL A 161 -4.24 -7.51 -5.53
N HIS A 162 -3.07 -8.07 -5.81
CA HIS A 162 -2.96 -9.47 -6.25
C HIS A 162 -2.35 -10.35 -5.16
N ALA A 163 -3.10 -11.36 -4.74
CA ALA A 163 -2.59 -12.28 -3.74
C ALA A 163 -2.72 -13.71 -4.26
N PRO A 164 -1.57 -14.34 -4.60
CA PRO A 164 -0.24 -13.74 -4.55
C PRO A 164 0.09 -12.87 -5.75
N SER A 165 1.29 -12.29 -5.73
CA SER A 165 1.77 -11.44 -6.80
C SER A 165 3.09 -12.01 -7.35
N SER A 166 3.32 -11.82 -8.65
CA SER A 166 4.60 -12.21 -9.26
C SER A 166 5.35 -10.96 -9.73
N ARG A 167 4.90 -9.81 -9.24
CA ARG A 167 5.42 -8.50 -9.67
C ARG A 167 6.88 -8.26 -9.25
N ARG A 168 7.59 -7.44 -10.05
CA ARG A 168 9.01 -7.18 -9.87
C ARG A 168 9.38 -5.71 -9.93
N THR A 169 8.67 -4.88 -9.16
CA THR A 169 9.05 -3.48 -9.01
C THR A 169 10.10 -3.62 -7.90
N LEU A 171 13.22 -1.44 -8.58
CA LEU A 171 14.57 -0.96 -8.88
C LEU A 171 14.93 0.12 -7.86
N ALA A 172 14.82 -0.24 -6.59
CA ALA A 172 15.06 0.67 -5.50
C ALA A 172 16.54 0.87 -5.34
N GLY A 173 16.96 1.43 -4.23
CA GLY A 173 18.36 1.59 -3.98
C GLY A 173 19.22 0.37 -3.74
N THR A 174 18.95 -0.36 -2.69
CA THR A 174 19.54 -1.64 -2.49
C THR A 174 18.49 -2.73 -2.30
N LEU A 175 18.95 -3.94 -2.10
CA LEU A 175 18.05 -5.04 -1.82
C LEU A 175 17.68 -5.12 -0.34
N ASP A 176 18.21 -4.21 0.47
CA ASP A 176 18.25 -4.42 1.93
C ASP A 176 16.90 -4.67 2.61
N TYR A 177 15.82 -4.15 2.02
CA TYR A 177 14.49 -4.29 2.61
C TYR A 177 13.58 -5.31 1.94
N LEU A 178 14.11 -6.03 0.94
CA LEU A 178 13.33 -6.99 0.18
C LEU A 178 13.45 -8.39 0.75
N PRO A 179 12.34 -9.13 0.84
CA PRO A 179 12.33 -10.50 1.33
C PRO A 179 12.95 -11.45 0.32
N PRO A 180 13.35 -12.66 0.76
CA PRO A 180 13.95 -13.57 -0.22
C PRO A 180 13.03 -13.92 -1.38
N GLU A 181 11.73 -14.04 -1.15
CA GLU A 181 10.85 -14.44 -2.24
C GLU A 181 10.82 -13.36 -3.33
N MET A 182 11.03 -12.09 -2.96
CA MET A 182 11.06 -11.02 -3.95
C MET A 182 12.39 -10.98 -4.71
N ILE A 183 13.52 -11.26 -4.06
CA ILE A 183 14.78 -11.18 -4.82
C ILE A 183 15.11 -12.45 -5.59
N GLU A 184 14.53 -13.58 -5.19
CA GLU A 184 14.81 -14.85 -5.86
C GLU A 184 13.83 -15.12 -6.98
N GLY A 185 12.79 -14.29 -7.07
CA GLY A 185 11.84 -14.36 -8.17
C GLY A 185 10.67 -15.29 -7.98
N ARG A 186 10.22 -15.45 -6.74
CA ARG A 186 9.06 -16.30 -6.50
C ARG A 186 7.84 -15.43 -6.23
N MET A 187 6.70 -16.06 -6.01
N MET A 187 6.70 -16.08 -6.01
CA MET A 187 5.47 -15.31 -5.77
CA MET A 187 5.47 -15.35 -5.74
C MET A 187 5.40 -14.84 -4.32
C MET A 187 5.52 -14.77 -4.32
N HIS A 188 4.81 -13.66 -4.11
CA HIS A 188 4.79 -13.05 -2.80
C HIS A 188 3.43 -12.48 -2.45
N ASP A 189 3.15 -12.42 -1.15
CA ASP A 189 1.88 -11.90 -0.70
C ASP A 189 2.06 -11.20 0.64
N GLU A 190 0.98 -11.17 1.42
CA GLU A 190 0.97 -10.46 2.70
C GLU A 190 2.09 -10.87 3.64
N LYS A 191 2.69 -12.05 3.44
CA LYS A 191 3.70 -12.49 4.39
C LYS A 191 4.98 -11.66 4.28
N VAL A 192 5.10 -10.89 3.19
CA VAL A 192 6.20 -9.95 3.08
C VAL A 192 6.20 -8.98 4.29
N ASP A 193 5.01 -8.63 4.78
CA ASP A 193 4.83 -7.74 5.95
C ASP A 193 5.76 -8.09 7.09
N LEU A 194 5.76 -9.37 7.42
CA LEU A 194 6.45 -9.83 8.59
C LEU A 194 7.95 -9.76 8.40
N TRP A 195 8.42 -10.06 7.19
CA TRP A 195 9.85 -9.87 6.90
C TRP A 195 10.24 -8.41 7.10
N SER A 196 9.42 -7.50 6.59
CA SER A 196 9.69 -6.08 6.76
C SER A 196 9.79 -5.67 8.23
N LEU A 197 8.89 -6.21 9.05
CA LEU A 197 8.90 -5.86 10.47
C LEU A 197 10.19 -6.36 11.12
N GLY A 198 10.66 -7.52 10.67
CA GLY A 198 11.89 -8.07 11.21
C GLY A 198 13.09 -7.23 10.82
N VAL A 199 13.18 -6.85 9.54
CA VAL A 199 14.26 -5.99 9.08
C VAL A 199 14.26 -4.65 9.81
N LEU A 200 13.09 -4.03 9.95
CA LEU A 200 13.00 -2.74 10.61
C LEU A 200 13.29 -2.85 12.11
N CYS A 201 12.80 -3.91 12.74
CA CYS A 201 13.05 -4.07 14.18
C CYS A 201 14.56 -4.15 14.44
N TYR A 202 15.24 -4.95 13.62
CA TYR A 202 16.69 -5.06 13.70
C TYR A 202 17.35 -3.69 13.45
N GLU A 203 16.95 -3.01 12.39
CA GLU A 203 17.63 -1.78 12.01
C GLU A 203 17.43 -0.73 13.08
N PHE A 204 16.23 -0.69 13.66
CA PHE A 204 15.92 0.29 14.68
C PHE A 204 16.82 0.08 15.90
N LEU A 205 17.05 -1.18 16.27
CA LEU A 205 17.85 -1.47 17.45
C LEU A 205 19.36 -1.40 17.21
N VAL A 206 19.79 -1.71 15.99
CA VAL A 206 21.21 -1.86 15.69
C VAL A 206 21.79 -0.68 14.96
N GLY A 207 20.97 -0.02 14.14
CA GLY A 207 21.39 1.17 13.42
C GLY A 207 21.65 0.93 11.94
N LYS A 208 21.64 -0.35 11.55
CA LYS A 208 21.77 -0.74 10.14
C LYS A 208 20.91 -1.98 9.92
N PRO A 209 20.44 -2.20 8.68
CA PRO A 209 19.60 -3.39 8.44
C PRO A 209 20.47 -4.67 8.44
N PRO A 210 19.87 -5.81 8.74
CA PRO A 210 20.63 -7.02 9.07
C PRO A 210 21.43 -7.64 7.91
N PHE A 211 21.11 -7.30 6.66
CA PHE A 211 21.78 -7.95 5.54
C PHE A 211 22.67 -7.01 4.75
N GLU A 212 22.96 -5.86 5.36
CA GLU A 212 23.72 -4.82 4.68
C GLU A 212 25.15 -5.28 4.39
N ALA A 213 25.64 -4.95 3.20
CA ALA A 213 26.98 -5.35 2.79
C ALA A 213 27.56 -4.33 1.82
N ASN A 214 28.85 -4.44 1.55
CA ASN A 214 29.51 -3.49 0.65
C ASN A 214 29.23 -3.75 -0.83
N THR A 215 28.71 -4.93 -1.15
CA THR A 215 28.42 -5.27 -2.54
C THR A 215 27.03 -5.82 -2.74
N TYR A 216 26.53 -5.69 -3.96
CA TYR A 216 25.26 -6.32 -4.33
C TYR A 216 25.32 -7.84 -4.07
N GLN A 217 26.40 -8.47 -4.53
CA GLN A 217 26.55 -9.93 -4.44
C GLN A 217 26.34 -10.45 -3.02
N GLU A 218 27.02 -9.82 -2.07
CA GLU A 218 27.00 -10.24 -0.68
C GLU A 218 25.63 -10.00 -0.05
N THR A 219 25.00 -8.88 -0.40
CA THR A 219 23.67 -8.62 0.11
C THR A 219 22.66 -9.63 -0.40
N TYR A 220 22.72 -9.95 -1.69
CA TYR A 220 21.84 -10.96 -2.28
C TYR A 220 22.01 -12.28 -1.54
N LYS A 221 23.27 -12.66 -1.33
CA LYS A 221 23.54 -13.94 -0.67
C LYS A 221 23.02 -13.96 0.77
N ARG A 222 23.26 -12.88 1.50
N ARG A 222 23.26 -12.88 1.51
CA ARG A 222 22.83 -12.80 2.90
CA ARG A 222 22.83 -12.84 2.90
C ARG A 222 21.32 -12.85 3.06
C ARG A 222 21.31 -12.88 3.04
N ILE A 223 20.59 -12.18 2.15
CA ILE A 223 19.14 -12.25 2.21
C ILE A 223 18.65 -13.64 1.86
N SER A 224 19.18 -14.21 0.77
N SER A 224 19.17 -14.20 0.75
CA SER A 224 18.70 -15.49 0.27
CA SER A 224 18.71 -15.51 0.28
C SER A 224 19.00 -16.63 1.26
C SER A 224 18.96 -16.60 1.32
N ARG A 225 20.09 -16.50 2.00
CA ARG A 225 20.48 -17.47 3.01
C ARG A 225 19.96 -17.13 4.40
N VAL A 226 19.32 -15.98 4.53
CA VAL A 226 18.98 -15.38 5.83
C VAL A 226 20.19 -15.39 6.79
N GLU A 227 21.27 -14.78 6.31
CA GLU A 227 22.52 -14.69 7.04
C GLU A 227 22.63 -13.42 7.83
N PHE A 228 22.35 -13.46 9.13
CA PHE A 228 22.49 -12.28 9.95
C PHE A 228 22.95 -12.67 11.34
N THR A 229 23.56 -11.70 12.04
CA THR A 229 23.99 -11.88 13.41
C THR A 229 23.62 -10.63 14.22
N PHE A 230 23.59 -10.78 15.55
CA PHE A 230 23.24 -9.68 16.44
C PHE A 230 24.46 -9.17 17.19
N PRO A 231 24.56 -7.85 17.34
CA PRO A 231 25.50 -7.32 18.33
C PRO A 231 25.13 -7.81 19.74
N ASP A 232 26.12 -7.86 20.61
CA ASP A 232 25.91 -8.44 21.93
C ASP A 232 24.83 -7.72 22.75
N PHE A 233 24.60 -6.43 22.51
CA PHE A 233 23.65 -5.70 23.35
C PHE A 233 22.18 -6.01 23.04
N VAL A 234 21.91 -6.65 21.90
CA VAL A 234 20.52 -6.98 21.58
C VAL A 234 19.99 -8.02 22.55
N THR A 235 18.86 -7.72 23.17
CA THR A 235 18.33 -8.58 24.24
C THR A 235 17.66 -9.84 23.73
N GLU A 236 17.41 -10.76 24.65
CA GLU A 236 16.87 -12.06 24.31
C GLU A 236 15.49 -11.96 23.65
N GLY A 237 14.64 -11.07 24.16
CA GLY A 237 13.30 -10.95 23.62
C GLY A 237 13.32 -10.38 22.22
N ALA A 238 14.19 -9.39 21.99
CA ALA A 238 14.34 -8.80 20.65
C ALA A 238 14.86 -9.84 19.68
N ARG A 239 15.87 -10.60 20.10
CA ARG A 239 16.39 -11.68 19.26
C ARG A 239 15.31 -12.68 18.90
N ASP A 240 14.46 -13.01 19.86
CA ASP A 240 13.41 -13.99 19.61
C ASP A 240 12.44 -13.47 18.55
N LEU A 241 12.00 -12.21 18.71
CA LEU A 241 11.02 -11.65 17.78
C LEU A 241 11.62 -11.55 16.39
N ILE A 242 12.83 -11.01 16.31
CA ILE A 242 13.45 -10.80 15.01
C ILE A 242 13.69 -12.15 14.34
N SER A 243 14.15 -13.14 15.10
CA SER A 243 14.40 -14.45 14.49
C SER A 243 13.11 -15.14 14.03
N ARG A 244 12.01 -14.88 14.72
CA ARG A 244 10.72 -15.43 14.28
C ARG A 244 10.21 -14.77 13.01
N LEU A 245 10.54 -13.49 12.83
CA LEU A 245 10.09 -12.74 11.67
C LEU A 245 10.88 -13.05 10.41
N LEU A 246 12.20 -13.17 10.54
CA LEU A 246 13.08 -13.36 9.39
C LEU A 246 13.20 -14.83 9.02
N LYS A 247 12.10 -15.39 8.54
CA LYS A 247 12.08 -16.79 8.07
C LYS A 247 12.15 -16.78 6.54
N HIS A 248 13.00 -17.63 5.96
CA HIS A 248 13.06 -17.76 4.50
C HIS A 248 11.71 -18.18 3.92
N ASN A 249 11.09 -19.15 4.57
CA ASN A 249 9.77 -19.64 4.15
C ASN A 249 8.68 -18.71 4.67
N PRO A 250 7.99 -17.99 3.74
CA PRO A 250 7.01 -16.99 4.19
C PRO A 250 5.91 -17.59 5.05
N SER A 251 5.53 -18.83 4.76
CA SER A 251 4.45 -19.48 5.50
C SER A 251 4.82 -19.74 6.96
N GLN A 252 6.11 -19.68 7.28
CA GLN A 252 6.55 -19.90 8.67
C GLN A 252 6.61 -18.62 9.49
N ARG A 253 6.38 -17.48 8.85
CA ARG A 253 6.40 -16.21 9.57
C ARG A 253 5.11 -16.07 10.36
N PRO A 254 5.16 -15.33 11.48
CA PRO A 254 3.98 -15.26 12.34
C PRO A 254 2.85 -14.44 11.75
N MET A 255 1.68 -14.52 12.37
N MET A 255 1.66 -14.52 12.36
CA MET A 255 0.56 -13.62 12.08
CA MET A 255 0.57 -13.62 12.03
C MET A 255 0.85 -12.28 12.73
C MET A 255 0.86 -12.28 12.70
N LEU A 256 0.25 -11.21 12.20
CA LEU A 256 0.44 -9.89 12.81
C LEU A 256 0.01 -9.87 14.26
N ARG A 257 -1.06 -10.59 14.60
CA ARG A 257 -1.51 -10.65 15.98
C ARG A 257 -0.43 -11.20 16.90
N GLU A 258 0.36 -12.16 16.41
CA GLU A 258 1.43 -12.74 17.20
C GLU A 258 2.56 -11.76 17.47
N VAL A 259 2.80 -10.85 16.52
CA VAL A 259 3.75 -9.78 16.74
C VAL A 259 3.24 -8.84 17.82
N LEU A 260 1.99 -8.41 17.68
CA LEU A 260 1.40 -7.47 18.63
C LEU A 260 1.30 -8.06 20.03
N GLU A 261 1.26 -9.39 20.12
CA GLU A 261 1.16 -10.08 21.41
C GLU A 261 2.49 -10.63 21.91
N HIS A 262 3.56 -10.45 21.14
CA HIS A 262 4.87 -10.94 21.56
C HIS A 262 5.28 -10.31 22.88
N PRO A 263 5.79 -11.12 23.82
CA PRO A 263 6.17 -10.64 25.16
C PRO A 263 7.11 -9.44 25.14
N TRP A 264 8.02 -9.38 24.18
CA TRP A 264 8.96 -8.26 24.11
C TRP A 264 8.26 -6.99 23.67
N ILE A 265 7.30 -7.13 22.76
CA ILE A 265 6.51 -5.98 22.33
C ILE A 265 5.63 -5.45 23.45
N THR A 266 4.89 -6.34 24.12
CA THR A 266 3.98 -5.89 25.17
C THR A 266 4.74 -5.35 26.36
N ALA A 267 5.96 -5.84 26.57
CA ALA A 267 6.78 -5.33 27.67
C ALA A 267 7.32 -3.94 27.40
N ASN A 268 7.59 -3.62 26.13
CA ASN A 268 8.30 -2.38 25.82
C ASN A 268 7.51 -1.31 25.08
N SER A 269 6.40 -1.69 24.45
CA SER A 269 5.63 -0.73 23.67
C SER A 269 4.87 0.24 24.58
N SER A 270 4.87 1.52 24.22
CA SER A 270 4.10 2.51 24.95
C SER A 270 2.64 2.48 24.52
N LYS A 271 2.39 1.81 23.39
CA LYS A 271 1.05 1.67 22.84
C LYS A 271 0.58 0.22 22.92
N MET B 1 -19.03 14.25 -21.48
CA MET B 1 -20.12 13.28 -21.49
C MET B 1 -19.59 11.86 -21.30
N ALA B 2 -18.35 11.75 -20.84
CA ALA B 2 -17.77 10.45 -20.54
C ALA B 2 -18.59 9.79 -19.44
N ARG B 3 -18.76 8.48 -19.54
CA ARG B 3 -19.46 7.76 -18.47
C ARG B 3 -18.88 6.36 -18.33
N VAL B 4 -18.85 5.87 -17.09
CA VAL B 4 -18.54 4.47 -16.85
C VAL B 4 -19.83 3.70 -16.79
N ASP B 5 -19.95 2.68 -17.64
CA ASP B 5 -21.13 1.84 -17.66
C ASP B 5 -20.79 0.52 -17.01
N GLN B 6 -21.38 0.29 -15.84
CA GLN B 6 -21.15 -0.97 -15.13
C GLN B 6 -22.36 -1.87 -15.25
N THR B 7 -22.12 -3.11 -15.65
CA THR B 7 -23.18 -4.10 -15.84
C THR B 7 -22.76 -5.43 -15.25
N PRO B 8 -23.71 -6.18 -14.67
CA PRO B 8 -25.12 -5.82 -14.47
C PRO B 8 -25.32 -4.93 -13.25
N ARG B 9 -26.31 -4.04 -13.29
CA ARG B 9 -26.58 -3.19 -12.14
C ARG B 9 -27.14 -4.00 -10.98
N ILE B 10 -27.92 -5.03 -11.30
CA ILE B 10 -28.48 -5.90 -10.27
C ILE B 10 -28.23 -7.33 -10.69
N ALA B 11 -27.83 -8.17 -9.74
CA ALA B 11 -27.62 -9.58 -10.04
C ALA B 11 -28.12 -10.46 -8.91
N THR B 12 -28.90 -11.48 -9.25
CA THR B 12 -29.23 -12.51 -8.28
C THR B 12 -28.68 -13.83 -8.82
N LYS B 13 -27.91 -14.52 -7.98
CA LYS B 13 -27.28 -15.76 -8.38
C LYS B 13 -27.54 -16.81 -7.31
N GLU B 14 -27.33 -18.07 -7.65
CA GLU B 14 -27.39 -19.14 -6.66
C GLU B 14 -25.96 -19.56 -6.31
N THR B 15 -25.78 -20.17 -5.14
CA THR B 15 -24.46 -20.63 -4.73
C THR B 15 -23.82 -21.53 -5.77
N GLY B 16 -22.50 -21.46 -5.88
CA GLY B 16 -21.77 -22.24 -6.86
C GLY B 16 -21.70 -21.66 -8.26
N GLU B 17 -22.56 -20.70 -8.56
CA GLU B 17 -22.58 -20.07 -9.89
C GLU B 17 -21.47 -19.03 -10.02
N SER B 18 -21.26 -18.52 -11.23
CA SER B 18 -20.26 -17.49 -11.46
C SER B 18 -20.90 -16.18 -11.88
N LEU B 19 -20.24 -15.08 -11.54
CA LEU B 19 -20.71 -13.74 -11.89
C LEU B 19 -19.57 -13.01 -12.58
N THR B 20 -19.82 -12.45 -13.75
CA THR B 20 -18.89 -11.51 -14.36
C THR B 20 -19.49 -10.11 -14.32
N ILE B 21 -18.74 -9.14 -13.81
CA ILE B 21 -19.14 -7.74 -13.86
C ILE B 21 -18.26 -7.03 -14.88
N ASN B 22 -18.88 -6.21 -15.73
CA ASN B 22 -18.14 -5.46 -16.74
C ASN B 22 -18.21 -3.97 -16.47
N CYS B 23 -17.10 -3.28 -16.70
CA CYS B 23 -17.10 -1.81 -16.65
C CYS B 23 -16.49 -1.28 -17.92
N VAL B 24 -17.18 -0.37 -18.58
N VAL B 24 -17.19 -0.35 -18.56
CA VAL B 24 -16.64 0.23 -19.79
CA VAL B 24 -16.72 0.25 -19.80
C VAL B 24 -16.72 1.74 -19.72
C VAL B 24 -16.72 1.76 -19.67
N LEU B 25 -15.59 2.39 -20.00
CA LEU B 25 -15.54 3.84 -20.04
C LEU B 25 -15.90 4.32 -21.44
N ARG B 26 -17.10 4.88 -21.58
CA ARG B 26 -17.61 5.25 -22.90
C ARG B 26 -17.57 6.75 -23.16
N ASP B 27 -17.63 7.10 -24.45
CA ASP B 27 -17.81 8.48 -24.92
C ASP B 27 -16.62 9.38 -24.59
N THR B 28 -15.43 8.79 -24.55
CA THR B 28 -14.22 9.55 -24.29
C THR B 28 -12.99 8.83 -24.81
N ALA B 29 -11.99 9.60 -25.22
CA ALA B 29 -10.73 9.00 -25.62
C ALA B 29 -9.84 8.67 -24.42
N CYS B 30 -10.24 9.14 -23.23
CA CYS B 30 -9.47 8.80 -22.02
C CYS B 30 -9.48 7.28 -21.82
N ALA B 31 -8.34 6.70 -21.48
CA ALA B 31 -8.23 5.25 -21.37
C ALA B 31 -8.43 4.70 -19.95
N LEU B 32 -9.26 3.67 -19.86
CA LEU B 32 -9.47 2.93 -18.62
C LEU B 32 -8.50 1.76 -18.53
N ASP B 33 -7.28 2.03 -18.10
CA ASP B 33 -6.24 1.01 -18.06
C ASP B 33 -5.80 0.62 -16.64
N SER B 34 -6.53 1.09 -15.63
CA SER B 34 -6.06 1.05 -14.24
C SER B 34 -7.13 0.65 -13.20
N THR B 35 -8.05 -0.22 -13.57
CA THR B 35 -9.23 -0.48 -12.75
C THR B 35 -8.96 -1.30 -11.49
N ASN B 36 -9.48 -0.82 -10.36
CA ASN B 36 -9.52 -1.58 -9.12
C ASN B 36 -10.97 -1.91 -8.74
N TRP B 37 -11.18 -3.04 -8.08
CA TRP B 37 -12.51 -3.47 -7.71
C TRP B 37 -12.73 -3.43 -6.21
N TYR B 38 -13.93 -3.03 -5.79
CA TYR B 38 -14.25 -2.88 -4.39
C TYR B 38 -15.61 -3.49 -4.07
N ARG B 39 -15.77 -3.92 -2.83
CA ARG B 39 -17.01 -4.52 -2.40
C ARG B 39 -17.36 -4.04 -1.01
N THR B 40 -18.64 -3.72 -0.78
CA THR B 40 -19.17 -3.61 0.57
C THR B 40 -20.19 -4.73 0.77
N LYS B 41 -19.85 -5.70 1.61
CA LYS B 41 -20.74 -6.84 1.85
C LYS B 41 -22.07 -6.43 2.45
N LEU B 42 -23.11 -7.21 2.19
CA LEU B 42 -24.44 -6.87 2.65
C LEU B 42 -24.47 -6.83 4.19
N GLY B 43 -25.00 -5.73 4.73
CA GLY B 43 -25.07 -5.56 6.17
C GLY B 43 -23.84 -4.90 6.77
N SER B 44 -22.79 -4.75 5.97
CA SER B 44 -21.54 -4.16 6.45
C SER B 44 -21.39 -2.71 6.03
N THR B 45 -20.51 -1.99 6.72
CA THR B 45 -20.20 -0.61 6.39
C THR B 45 -18.80 -0.49 5.78
N LYS B 46 -18.00 -1.55 5.98
CA LYS B 46 -16.63 -1.55 5.54
C LYS B 46 -16.49 -1.88 4.06
N GLU B 47 -15.97 -0.93 3.29
CA GLU B 47 -15.59 -1.23 1.92
C GLU B 47 -14.28 -2.01 1.93
N GLN B 48 -14.21 -3.08 1.14
CA GLN B 48 -12.96 -3.78 0.95
C GLN B 48 -12.53 -3.83 -0.50
N THR B 49 -11.23 -3.88 -0.69
CA THR B 49 -10.60 -4.23 -1.95
C THR B 49 -10.96 -5.64 -2.34
N ILE B 50 -11.25 -5.87 -3.61
CA ILE B 50 -11.32 -7.23 -4.11
C ILE B 50 -9.90 -7.63 -4.49
N SER B 51 -9.29 -8.53 -3.72
CA SER B 51 -7.95 -9.00 -4.08
C SER B 51 -8.07 -10.07 -5.15
N ILE B 52 -7.25 -9.95 -6.17
CA ILE B 52 -7.28 -10.89 -7.29
C ILE B 52 -6.52 -12.16 -6.94
N GLY B 53 -7.16 -13.30 -7.19
CA GLY B 53 -6.58 -14.59 -6.86
C GLY B 53 -7.68 -15.48 -6.35
N GLY B 54 -7.46 -16.79 -6.37
CA GLY B 54 -8.45 -17.74 -5.89
C GLY B 54 -9.71 -17.69 -6.72
N ARG B 55 -10.83 -17.38 -6.06
CA ARG B 55 -12.14 -17.33 -6.72
C ARG B 55 -12.31 -16.06 -7.55
N TYR B 56 -11.44 -15.09 -7.32
CA TYR B 56 -11.57 -13.79 -7.98
C TYR B 56 -10.56 -13.64 -9.11
N SER B 57 -11.04 -13.29 -10.30
CA SER B 57 -10.16 -13.06 -11.45
C SER B 57 -10.62 -11.80 -12.18
N GLU B 58 -9.72 -11.22 -12.97
CA GLU B 58 -10.05 -9.97 -13.64
C GLU B 58 -9.36 -9.91 -15.00
N THR B 59 -9.97 -9.19 -15.92
CA THR B 59 -9.39 -8.99 -17.23
C THR B 59 -9.48 -7.52 -17.60
N VAL B 60 -8.68 -7.14 -18.59
CA VAL B 60 -8.73 -5.80 -19.15
C VAL B 60 -8.75 -5.96 -20.67
N ASP B 61 -9.60 -5.18 -21.33
CA ASP B 61 -9.62 -5.17 -22.78
C ASP B 61 -9.28 -3.73 -23.20
N GLU B 62 -7.99 -3.48 -23.45
CA GLU B 62 -7.53 -2.14 -23.77
C GLU B 62 -8.19 -1.59 -25.02
N GLY B 63 -8.47 -2.47 -25.97
CA GLY B 63 -9.06 -2.06 -27.23
C GLY B 63 -10.47 -1.53 -27.10
N SER B 64 -11.21 -2.02 -26.11
CA SER B 64 -12.60 -1.61 -25.91
C SER B 64 -12.79 -0.72 -24.67
N ASN B 65 -11.68 -0.32 -24.05
CA ASN B 65 -11.71 0.55 -22.88
C ASN B 65 -12.53 -0.07 -21.76
N SER B 66 -12.35 -1.37 -21.58
CA SER B 66 -13.17 -2.10 -20.61
C SER B 66 -12.34 -2.92 -19.63
N ALA B 67 -12.98 -3.30 -18.54
CA ALA B 67 -12.38 -4.18 -17.56
C ALA B 67 -13.46 -5.06 -16.98
N SER B 68 -13.11 -6.28 -16.58
N SER B 68 -13.10 -6.27 -16.58
CA SER B 68 -14.08 -7.18 -16.01
CA SER B 68 -14.09 -7.19 -16.02
C SER B 68 -13.60 -7.84 -14.74
C SER B 68 -13.60 -7.88 -14.77
N LEU B 69 -14.55 -8.23 -13.90
CA LEU B 69 -14.26 -8.98 -12.68
C LEU B 69 -15.12 -10.23 -12.72
N THR B 70 -14.51 -11.39 -12.52
CA THR B 70 -15.29 -12.62 -12.42
C THR B 70 -15.12 -13.27 -11.05
N ILE B 71 -16.24 -13.56 -10.41
CA ILE B 71 -16.24 -14.32 -9.17
C ILE B 71 -16.85 -15.68 -9.44
N ARG B 72 -16.09 -16.75 -9.21
CA ARG B 72 -16.64 -18.08 -9.42
C ARG B 72 -16.98 -18.76 -8.09
N ASP B 73 -17.78 -19.81 -8.17
CA ASP B 73 -18.23 -20.56 -7.00
C ASP B 73 -18.82 -19.64 -5.94
N LEU B 74 -19.82 -18.86 -6.35
CA LEU B 74 -20.43 -17.86 -5.48
C LEU B 74 -20.96 -18.44 -4.19
N ARG B 75 -20.84 -17.64 -3.12
CA ARG B 75 -21.28 -18.03 -1.80
C ARG B 75 -22.23 -16.98 -1.28
N VAL B 76 -23.02 -17.32 -0.26
CA VAL B 76 -23.97 -16.37 0.30
C VAL B 76 -23.23 -15.14 0.82
N GLU B 77 -22.04 -15.39 1.36
CA GLU B 77 -21.19 -14.34 1.92
C GLU B 77 -20.82 -13.28 0.89
N ASP B 78 -20.88 -13.64 -0.38
CA ASP B 78 -20.53 -12.73 -1.48
C ASP B 78 -21.56 -11.65 -1.75
N SER B 79 -22.74 -11.76 -1.13
CA SER B 79 -23.79 -10.74 -1.29
C SER B 79 -23.33 -9.34 -0.85
N GLY B 80 -23.56 -8.36 -1.69
CA GLY B 80 -23.12 -7.00 -1.39
C GLY B 80 -23.09 -6.14 -2.63
N THR B 81 -22.58 -4.92 -2.48
CA THR B 81 -22.47 -3.98 -3.60
C THR B 81 -21.02 -3.93 -4.10
N TYR B 82 -20.85 -4.02 -5.42
CA TYR B 82 -19.53 -4.12 -6.06
C TYR B 82 -19.34 -2.92 -6.98
N LYS B 83 -18.14 -2.33 -6.95
CA LYS B 83 -17.85 -1.21 -7.84
C LYS B 83 -16.47 -1.29 -8.47
N CYS B 84 -16.39 -0.90 -9.74
CA CYS B 84 -15.08 -0.65 -10.36
C CYS B 84 -14.71 0.81 -10.09
N LYS B 85 -13.45 1.07 -9.74
CA LYS B 85 -12.98 2.45 -9.54
C LYS B 85 -11.60 2.58 -10.18
N ALA B 86 -11.34 3.72 -10.83
CA ALA B 86 -10.08 3.90 -11.52
C ALA B 86 -9.71 5.37 -11.59
N ILE B 87 -8.44 5.63 -11.86
CA ILE B 87 -7.99 6.93 -12.34
C ILE B 87 -7.55 6.75 -13.80
N ASP B 88 -8.24 7.40 -14.72
CA ASP B 88 -8.03 7.08 -16.14
C ASP B 88 -6.77 7.78 -16.67
N SER B 89 -6.44 7.55 -17.94
CA SER B 89 -5.22 8.12 -18.52
C SER B 89 -5.25 9.66 -18.54
N CYS B 90 -6.40 10.27 -18.33
CA CYS B 90 -6.49 11.73 -18.26
C CYS B 90 -6.40 12.23 -16.81
N TRP B 91 -6.01 11.32 -15.92
CA TRP B 91 -5.96 11.56 -14.47
C TRP B 91 -7.30 11.94 -13.88
N LEU B 92 -8.37 11.40 -14.45
CA LEU B 92 -9.70 11.69 -13.94
C LEU B 92 -10.29 10.47 -13.23
N SER B 93 -10.94 10.75 -12.11
CA SER B 93 -11.57 9.71 -11.30
C SER B 93 -12.77 9.13 -12.04
N ARG B 94 -12.82 7.79 -12.12
CA ARG B 94 -13.95 7.10 -12.74
C ARG B 94 -14.48 6.03 -11.81
N GLU B 95 -15.80 5.91 -11.71
CA GLU B 95 -16.37 4.80 -10.95
C GLU B 95 -17.68 4.36 -11.57
N GLY B 96 -17.92 3.06 -11.53
CA GLY B 96 -19.18 2.51 -11.98
C GLY B 96 -20.27 2.76 -10.96
N ALA B 97 -21.52 2.68 -11.39
CA ALA B 97 -22.65 2.96 -10.51
C ALA B 97 -22.89 1.80 -9.55
N GLY B 98 -22.26 0.66 -9.82
CA GLY B 98 -22.29 -0.48 -8.91
C GLY B 98 -23.17 -1.65 -9.32
N THR B 99 -22.82 -2.81 -8.80
CA THR B 99 -23.59 -4.05 -8.95
C THR B 99 -24.09 -4.49 -7.60
N VAL B 100 -25.40 -4.57 -7.43
CA VAL B 100 -25.97 -5.08 -6.18
C VAL B 100 -26.21 -6.56 -6.37
N LEU B 101 -25.33 -7.36 -5.79
CA LEU B 101 -25.38 -8.81 -5.92
C LEU B 101 -26.10 -9.43 -4.74
N THR B 102 -27.07 -10.29 -5.04
CA THR B 102 -27.73 -11.13 -4.04
C THR B 102 -27.47 -12.58 -4.41
N VAL B 103 -26.88 -13.34 -3.49
CA VAL B 103 -26.69 -14.78 -3.68
C VAL B 103 -27.68 -15.55 -2.79
N LYS B 104 -28.70 -16.14 -3.42
CA LYS B 104 -29.76 -16.86 -2.72
C LYS B 104 -29.80 -18.30 -3.19
N GLY B 105 -29.95 -19.24 -2.26
CA GLY B 105 -29.86 -20.66 -2.60
C GLY B 105 -28.48 -20.94 -3.14
N GLY B 106 -28.30 -22.13 -3.73
CA GLY B 106 -29.38 -23.09 -3.84
C GLY B 106 -29.25 -24.21 -2.82
N ALA B 107 -28.21 -24.15 -2.00
CA ALA B 107 -27.98 -25.17 -0.99
C ALA B 107 -27.03 -24.65 0.10
N ALA B 108 -27.46 -24.78 1.36
CA ALA B 108 -26.65 -24.32 2.47
C ALA B 108 -26.00 -25.51 3.21
N ALA B 109 -26.79 -26.53 3.54
CA ALA B 109 -28.23 -26.57 3.26
C ALA B 109 -29.02 -27.03 4.48
#